data_8KME
#
_entry.id   8KME
#
_cell.length_a   71.660
_cell.length_b   72.000
_cell.length_c   73.450
_cell.angle_alpha   90.00
_cell.angle_beta   101.20
_cell.angle_gamma   90.00
#
_symmetry.space_group_name_H-M   'C 1 2 1'
#
loop_
_entity.id
_entity.type
_entity.pdbx_description
1 polymer THROMBIN
2 polymer THROMBIN
3 polymer N-ACETYLHIRUDIN
4 polymer SEL2770
5 non-polymer 'SODIUM ION'
6 water water
#
loop_
_entity_poly.entity_id
_entity_poly.type
_entity_poly.pdbx_seq_one_letter_code
_entity_poly.pdbx_strand_id
1 'polypeptide(L)' TFGSGEADCGLRPLFEKKSLEDKTERELLESYIDGR 1
2 'polypeptide(L)'
;IVEGSDAEIGMSPWQVMLFRKSPQELLCGASLISDRWVLTAAHCLLYPPWDKNFTENDLLVRIGKHSRTRYERNIEKISM
LEKIYIHPRYNWRENLDRDIALMKLKKPVAFSDYIHPVCLPDRETAASLLQAGYKGRVTGWGNLKETWTANVGKGQPSVL
QVVNLPIVERPVCKDSTRIRITDNMFCAGYKPDEGKRGDACEGDSGGPFVMKSPFNNRWYQMGIVSWGEGCDRDGKYGFY
THVFRLKKWIQKVIDQFGE
;
2
3 'polypeptide(L)' DFEEIPEE(TYS)L 3
4 'polypeptide(L)' (ACE)(0BN)(CHG)(MLY)LP(NH2) 4
#
loop_
_chem_comp.id
_chem_comp.type
_chem_comp.name
_chem_comp.formula
ACE non-polymer 'ACETYL GROUP' 'C2 H4 O'
NA non-polymer 'SODIUM ION' 'Na 1'
NH2 non-polymer 'AMINO GROUP' 'H2 N'
#
# COMPACT_ATOMS: atom_id res chain seq x y z
N ALA A 7 -16.19 4.87 -11.31
CA ALA A 7 -15.41 4.78 -10.02
C ALA A 7 -16.41 4.78 -8.87
N ASP A 8 -16.80 3.55 -8.58
CA ASP A 8 -17.70 3.12 -7.53
C ASP A 8 -16.83 2.77 -6.31
N CYS A 9 -15.62 3.28 -6.35
CA CYS A 9 -14.53 3.17 -5.38
C CYS A 9 -14.86 3.23 -3.91
N GLY A 10 -14.07 2.47 -3.12
CA GLY A 10 -14.09 2.54 -1.68
C GLY A 10 -15.25 2.20 -0.84
N LEU A 11 -16.26 1.50 -1.40
CA LEU A 11 -17.41 0.94 -0.64
C LEU A 11 -17.21 -0.56 -0.81
N ARG A 12 -16.83 -1.30 0.23
CA ARG A 12 -16.54 -2.73 0.05
C ARG A 12 -17.80 -3.57 -0.06
N PRO A 13 -17.84 -4.51 -1.02
CA PRO A 13 -18.98 -5.40 -1.21
C PRO A 13 -19.47 -6.11 0.03
N LEU A 14 -18.58 -6.46 0.89
CA LEU A 14 -18.85 -7.34 2.02
C LEU A 14 -18.95 -6.52 3.33
N PHE A 15 -18.81 -5.20 3.27
CA PHE A 15 -18.98 -4.40 4.52
C PHE A 15 -19.93 -3.21 4.28
N GLU A 16 -19.40 -2.10 3.84
CA GLU A 16 -20.22 -0.89 3.59
C GLU A 16 -21.54 -1.19 2.87
N LYS A 17 -21.42 -1.95 1.78
CA LYS A 17 -22.56 -2.26 0.87
C LYS A 17 -23.64 -3.10 1.55
N LYS A 18 -23.30 -3.81 2.61
CA LYS A 18 -24.26 -4.61 3.40
C LYS A 18 -24.48 -3.98 4.77
N SER A 19 -23.81 -2.89 4.93
CA SER A 19 -23.83 -2.09 6.15
C SER A 19 -23.18 -2.82 7.33
N LEU A 20 -22.20 -3.67 6.98
CA LEU A 20 -21.40 -4.44 7.93
C LEU A 20 -20.01 -3.79 8.07
N GLU A 21 -19.63 -3.71 9.31
CA GLU A 21 -18.38 -3.15 9.78
C GLU A 21 -17.34 -4.24 10.02
N ASP A 22 -16.02 -3.77 9.66
CA ASP A 22 -14.96 -4.66 10.16
C ASP A 22 -14.71 -4.31 11.64
N LYS A 23 -13.91 -5.13 12.31
CA LYS A 23 -13.75 -5.04 13.77
C LYS A 23 -12.85 -3.87 14.25
N THR A 24 -11.96 -3.34 13.44
CA THR A 24 -11.09 -2.22 13.91
C THR A 24 -11.36 -0.98 13.13
N GLU A 25 -12.53 -0.87 12.51
CA GLU A 25 -12.69 0.35 11.73
C GLU A 25 -13.22 1.47 12.60
N ARG A 26 -13.65 1.13 13.78
CA ARG A 26 -14.20 2.14 14.67
C ARG A 26 -13.10 2.91 15.40
N GLU A 27 -11.92 2.33 15.44
CA GLU A 27 -10.70 2.97 15.98
C GLU A 27 -10.40 4.23 15.15
N LEU A 28 -10.25 3.92 13.85
CA LEU A 28 -10.07 4.91 12.79
C LEU A 28 -10.98 6.11 13.02
N LEU A 29 -12.26 5.80 12.95
CA LEU A 29 -13.30 6.84 13.03
C LEU A 29 -13.27 7.60 14.33
N GLU A 30 -12.76 7.00 15.39
CA GLU A 30 -12.82 7.65 16.71
C GLU A 30 -11.70 8.63 16.98
N SER A 31 -10.81 8.71 16.02
CA SER A 31 -9.64 9.59 16.14
C SER A 31 -9.82 10.80 15.24
N TYR A 32 -10.95 10.86 14.57
CA TYR A 32 -11.29 11.93 13.61
C TYR A 32 -12.18 12.96 14.31
N ILE B 1 4.01 -6.46 8.17
CA ILE B 1 3.42 -5.69 9.27
C ILE B 1 3.90 -6.34 10.57
N VAL B 2 4.12 -5.52 11.55
CA VAL B 2 4.57 -5.80 12.88
C VAL B 2 3.58 -5.37 13.94
N GLU B 3 3.14 -6.33 14.72
CA GLU B 3 2.16 -6.11 15.79
C GLU B 3 0.83 -5.67 15.18
N GLY B 4 0.54 -6.32 14.07
CA GLY B 4 -0.69 -6.15 13.30
C GLY B 4 -1.68 -7.24 13.76
N SER B 5 -2.50 -7.70 12.85
CA SER B 5 -3.56 -8.69 13.05
C SER B 5 -3.89 -9.26 11.67
N ASP B 6 -4.65 -10.33 11.60
CA ASP B 6 -5.02 -10.80 10.23
C ASP B 6 -6.31 -10.02 9.85
N ALA B 7 -6.33 -9.79 8.56
CA ALA B 7 -7.37 -9.03 7.89
C ALA B 7 -8.58 -9.96 7.79
N GLU B 8 -9.78 -9.40 7.92
CA GLU B 8 -10.97 -10.24 7.72
C GLU B 8 -11.14 -10.40 6.21
N ILE B 9 -11.83 -11.49 5.80
CA ILE B 9 -11.98 -11.73 4.35
C ILE B 9 -12.68 -10.46 3.85
N GLY B 10 -12.33 -10.03 2.67
CA GLY B 10 -12.87 -8.85 2.02
C GLY B 10 -12.65 -7.50 2.67
N MET B 11 -11.84 -7.37 3.71
CA MET B 11 -11.50 -6.12 4.41
C MET B 11 -10.75 -5.09 3.56
N SER B 12 -9.93 -5.52 2.63
CA SER B 12 -9.08 -4.78 1.73
C SER B 12 -9.20 -5.17 0.26
N PRO B 13 -10.41 -5.06 -0.24
CA PRO B 13 -10.71 -5.41 -1.63
C PRO B 13 -9.73 -4.89 -2.64
N TRP B 14 -8.99 -3.85 -2.30
CA TRP B 14 -8.07 -3.25 -3.30
C TRP B 14 -6.62 -3.66 -3.16
N GLN B 15 -6.27 -4.43 -2.18
CA GLN B 15 -4.89 -4.89 -1.89
C GLN B 15 -4.42 -5.83 -2.96
N VAL B 16 -3.32 -5.57 -3.61
CA VAL B 16 -2.67 -6.30 -4.67
C VAL B 16 -1.33 -6.86 -4.19
N MET B 17 -0.94 -7.92 -4.87
CA MET B 17 0.30 -8.69 -4.63
C MET B 17 1.09 -8.58 -5.94
N LEU B 18 2.23 -7.95 -5.73
CA LEU B 18 3.25 -7.87 -6.81
C LEU B 18 4.14 -9.12 -6.69
N PHE B 19 4.21 -9.80 -7.83
CA PHE B 19 4.84 -11.15 -7.90
C PHE B 19 5.72 -11.33 -9.14
N ARG B 20 6.90 -11.90 -8.87
CA ARG B 20 7.81 -12.18 -10.00
C ARG B 20 7.51 -13.63 -10.46
N LYS B 21 7.53 -13.70 -11.78
CA LYS B 21 7.35 -14.96 -12.50
C LYS B 21 8.45 -15.96 -12.13
N SER B 22 9.68 -15.44 -12.06
CA SER B 22 10.81 -16.34 -11.80
C SER B 22 12.02 -15.70 -11.14
N PRO B 23 12.40 -16.09 -9.93
CA PRO B 23 11.73 -17.06 -9.07
C PRO B 23 10.31 -16.61 -8.76
N GLN B 24 9.59 -17.42 -7.99
CA GLN B 24 8.17 -17.08 -7.72
C GLN B 24 8.08 -16.49 -6.33
N GLU B 25 8.56 -15.26 -6.29
CA GLU B 25 8.58 -14.50 -5.03
C GLU B 25 7.58 -13.34 -5.11
N LEU B 26 7.14 -12.94 -3.93
CA LEU B 26 6.31 -11.75 -3.75
C LEU B 26 7.35 -10.60 -3.72
N LEU B 27 7.35 -9.78 -4.74
CA LEU B 27 8.26 -8.60 -4.88
C LEU B 27 7.95 -7.56 -3.76
N CYS B 28 6.60 -7.11 -3.84
CA CYS B 28 5.86 -6.05 -2.97
C CYS B 28 4.29 -6.09 -3.00
N GLY B 29 3.70 -5.16 -2.22
CA GLY B 29 2.23 -4.96 -2.14
C GLY B 29 1.80 -3.95 -3.23
N ALA B 30 0.57 -3.49 -3.22
CA ALA B 30 0.05 -2.51 -4.21
C ALA B 30 -1.44 -2.29 -3.95
N SER B 31 -2.07 -1.54 -4.84
CA SER B 31 -3.51 -1.24 -4.69
C SER B 31 -4.13 -0.97 -6.07
N LEU B 32 -5.38 -1.37 -6.12
CA LEU B 32 -6.26 -1.28 -7.29
C LEU B 32 -6.99 0.07 -7.20
N ILE B 33 -6.82 0.95 -8.20
CA ILE B 33 -7.52 2.25 -8.16
C ILE B 33 -8.57 2.37 -9.31
N SER B 34 -8.42 1.53 -10.32
CA SER B 34 -9.36 1.48 -11.46
C SER B 34 -9.56 0.01 -11.84
N ASP B 35 -10.13 -0.38 -12.96
CA ASP B 35 -10.27 -1.78 -13.40
C ASP B 35 -9.09 -2.11 -14.33
N ARG B 36 -8.30 -1.07 -14.58
CA ARG B 36 -7.13 -1.16 -15.44
C ARG B 36 -5.80 -0.77 -14.78
N TRP B 37 -5.81 -0.12 -13.63
CA TRP B 37 -4.58 0.41 -13.02
C TRP B 37 -4.25 0.02 -11.59
N VAL B 38 -2.97 -0.36 -11.40
CA VAL B 38 -2.46 -0.64 -10.08
C VAL B 38 -1.46 0.48 -9.69
N LEU B 39 -1.53 0.89 -8.45
CA LEU B 39 -0.62 1.94 -7.94
C LEU B 39 0.33 1.34 -6.93
N THR B 40 1.61 1.58 -7.15
CA THR B 40 2.66 1.09 -6.21
C THR B 40 3.74 2.15 -5.96
N ALA B 41 4.69 1.76 -5.16
CA ALA B 41 5.96 2.41 -4.84
C ALA B 41 6.97 2.07 -5.96
N ALA B 42 7.48 3.07 -6.61
CA ALA B 42 8.45 3.10 -7.68
C ALA B 42 9.68 2.26 -7.36
N HIS B 43 10.02 2.27 -6.08
CA HIS B 43 11.24 1.58 -5.65
C HIS B 43 11.08 0.07 -5.63
N CYS B 44 9.94 -0.42 -6.07
CA CYS B 44 9.61 -1.85 -6.08
C CYS B 44 10.02 -2.38 -7.45
N LEU B 45 10.15 -1.45 -8.37
CA LEU B 45 10.45 -1.76 -9.77
C LEU B 45 11.89 -1.44 -10.15
N LEU B 46 12.28 -0.28 -9.70
CA LEU B 46 13.47 0.48 -9.94
C LEU B 46 14.18 0.93 -8.67
N TYR B 47 15.36 0.35 -8.54
CA TYR B 47 16.24 0.65 -7.41
C TYR B 47 17.64 0.17 -7.81
N PRO B 48 18.28 1.04 -8.56
CA PRO B 48 19.63 0.83 -9.09
C PRO B 48 20.65 0.31 -8.11
N PRO B 49 20.70 0.95 -6.95
CA PRO B 49 21.59 0.53 -5.87
C PRO B 49 21.52 -0.94 -5.52
N TRP B 50 20.44 -1.67 -5.66
CA TRP B 50 20.28 -3.11 -5.35
C TRP B 50 20.09 -3.90 -6.64
N ASP B 51 20.48 -3.21 -7.70
CA ASP B 51 20.41 -3.65 -9.10
C ASP B 51 19.00 -4.03 -9.52
N LYS B 52 18.03 -3.47 -8.83
CA LYS B 52 16.61 -3.71 -9.13
C LYS B 52 16.15 -2.84 -10.31
N ASN B 53 15.56 -3.54 -11.27
CA ASN B 53 15.00 -2.93 -12.47
C ASN B 53 14.11 -3.95 -13.20
N PHE B 54 12.86 -4.00 -12.76
CA PHE B 54 11.86 -4.90 -13.33
C PHE B 54 11.12 -4.32 -14.54
N THR B 55 10.69 -5.28 -15.35
CA THR B 55 9.91 -5.00 -16.55
C THR B 55 8.51 -5.64 -16.53
N GLU B 56 7.83 -5.21 -17.52
CA GLU B 56 6.41 -5.54 -17.72
C GLU B 56 6.19 -7.05 -17.52
N ASN B 57 6.96 -7.87 -18.21
CA ASN B 57 6.74 -9.33 -18.15
C ASN B 57 7.69 -10.08 -17.21
N ASP B 58 8.13 -9.38 -16.17
CA ASP B 58 8.94 -9.99 -15.11
C ASP B 58 8.03 -10.19 -13.90
N LEU B 59 7.00 -9.33 -13.93
CA LEU B 59 5.98 -9.29 -12.89
C LEU B 59 4.59 -9.66 -13.42
N LEU B 60 3.82 -10.06 -12.44
CA LEU B 60 2.43 -10.47 -12.53
C LEU B 60 1.73 -9.81 -11.34
N VAL B 61 0.46 -9.54 -11.49
CA VAL B 61 -0.32 -8.89 -10.42
C VAL B 61 -1.49 -9.79 -9.99
N ARG B 62 -1.45 -10.10 -8.64
CA ARG B 62 -2.44 -11.08 -8.13
C ARG B 62 -3.43 -10.34 -7.24
N ILE B 63 -4.65 -10.16 -7.76
CA ILE B 63 -5.70 -9.42 -7.03
C ILE B 63 -6.68 -10.39 -6.38
N GLY B 64 -7.15 -10.00 -5.21
CA GLY B 64 -8.20 -10.76 -4.51
C GLY B 64 -7.66 -11.70 -3.46
N LYS B 65 -6.36 -11.64 -3.23
CA LYS B 65 -5.73 -12.59 -2.31
C LYS B 65 -6.11 -12.31 -0.86
N HIS B 66 -5.85 -13.34 -0.07
CA HIS B 66 -5.94 -13.35 1.40
C HIS B 66 -4.81 -14.16 1.98
N SER B 67 -4.60 -15.34 1.41
CA SER B 67 -3.48 -16.18 1.83
C SER B 67 -2.28 -15.63 1.07
N ARG B 68 -1.21 -15.52 1.78
CA ARG B 68 0.04 -14.97 1.29
C ARG B 68 0.68 -15.91 0.21
N THR B 69 0.70 -17.17 0.57
CA THR B 69 1.36 -18.27 -0.17
C THR B 69 0.55 -19.03 -1.25
N ARG B 70 -0.65 -19.39 -0.89
CA ARG B 70 -1.56 -20.22 -1.69
C ARG B 70 -2.19 -19.55 -2.90
N TYR B 71 -2.35 -20.37 -3.92
CA TYR B 71 -3.03 -19.96 -5.12
C TYR B 71 -4.54 -20.11 -4.84
N GLU B 72 -5.20 -19.04 -4.42
CA GLU B 72 -6.63 -19.12 -3.99
C GLU B 72 -7.52 -19.23 -5.25
N ARG B 73 -7.46 -20.48 -5.66
CA ARG B 73 -8.03 -21.13 -6.86
C ARG B 73 -9.24 -20.52 -7.57
N ASN B 74 -10.29 -20.20 -6.85
CA ASN B 74 -11.51 -19.65 -7.50
C ASN B 74 -11.69 -18.17 -7.14
N ILE B 75 -11.12 -17.71 -6.03
CA ILE B 75 -11.17 -16.34 -5.53
C ILE B 75 -10.33 -15.31 -6.26
N GLU B 76 -9.06 -15.59 -6.51
CA GLU B 76 -8.09 -14.70 -7.07
C GLU B 76 -7.91 -14.78 -8.58
N LYS B 77 -7.54 -13.60 -9.04
CA LYS B 77 -7.24 -13.11 -10.36
C LYS B 77 -5.75 -12.76 -10.48
N ILE B 78 -5.15 -13.30 -11.51
CA ILE B 78 -3.71 -13.08 -11.81
C ILE B 78 -3.64 -12.30 -13.10
N SER B 79 -3.07 -11.03 -13.08
CA SER B 79 -3.08 -10.24 -14.32
C SER B 79 -1.67 -9.88 -14.82
N MET B 80 -1.60 -9.78 -16.12
CA MET B 80 -0.38 -9.43 -16.83
C MET B 80 -0.44 -7.92 -17.04
N LEU B 81 0.71 -7.33 -16.92
CA LEU B 81 0.86 -5.87 -17.05
C LEU B 81 1.07 -5.49 -18.52
N GLU B 82 1.04 -4.19 -18.76
CA GLU B 82 1.16 -3.63 -20.11
C GLU B 82 2.00 -2.37 -20.13
N LYS B 83 2.34 -1.87 -18.94
CA LYS B 83 3.17 -0.65 -18.93
C LYS B 83 3.32 0.03 -17.56
N ILE B 84 4.55 -0.06 -17.05
CA ILE B 84 4.94 0.52 -15.75
C ILE B 84 5.37 1.99 -15.95
N TYR B 85 4.74 2.89 -15.16
CA TYR B 85 5.07 4.31 -15.20
C TYR B 85 5.54 4.74 -13.80
N ILE B 86 6.82 5.08 -13.83
CA ILE B 86 7.54 5.61 -12.66
C ILE B 86 7.43 7.13 -12.65
N HIS B 87 7.41 7.71 -11.39
CA HIS B 87 7.44 9.19 -11.53
C HIS B 87 8.75 9.64 -12.16
N PRO B 88 8.60 10.67 -12.98
CA PRO B 88 9.66 11.19 -13.80
C PRO B 88 10.88 11.62 -12.98
N ARG B 89 10.59 12.01 -11.77
CA ARG B 89 11.49 12.49 -10.77
C ARG B 89 11.44 11.72 -9.47
N TYR B 90 11.37 10.41 -9.61
CA TYR B 90 11.46 9.50 -8.43
C TYR B 90 12.90 9.68 -7.91
N ASN B 91 13.14 9.85 -6.57
CA ASN B 91 14.56 10.12 -6.29
C ASN B 91 15.21 8.91 -5.61
N TRP B 92 15.71 8.01 -6.44
CA TRP B 92 16.29 6.77 -5.94
C TRP B 92 17.70 6.96 -5.41
N ARG B 93 18.36 8.05 -5.81
CA ARG B 93 19.71 8.29 -5.28
C ARG B 93 19.67 8.93 -3.91
N GLU B 94 18.73 9.78 -3.60
CA GLU B 94 18.86 10.43 -2.29
C GLU B 94 17.90 9.93 -1.21
N ASN B 95 16.64 10.31 -1.26
CA ASN B 95 15.75 9.91 -0.17
C ASN B 95 14.45 9.21 -0.60
N LEU B 96 14.37 8.79 -1.84
CA LEU B 96 13.17 8.06 -2.32
C LEU B 96 11.96 8.99 -2.31
N ASP B 97 12.21 10.18 -2.74
CA ASP B 97 11.19 11.21 -2.83
C ASP B 97 10.53 11.15 -4.19
N ARG B 98 9.16 10.94 -4.15
CA ARG B 98 8.32 10.62 -5.30
C ARG B 98 8.39 9.13 -5.70
N ASP B 99 8.28 8.29 -4.72
CA ASP B 99 8.26 6.80 -4.80
C ASP B 99 6.81 6.38 -5.17
N ILE B 100 6.48 6.41 -6.44
CA ILE B 100 5.11 6.18 -6.94
C ILE B 100 5.19 5.78 -8.42
N ALA B 101 4.43 4.75 -8.79
CA ALA B 101 4.46 4.26 -10.18
C ALA B 101 3.04 3.76 -10.43
N LEU B 102 2.66 3.70 -11.69
CA LEU B 102 1.36 3.24 -12.15
C LEU B 102 1.49 2.02 -13.08
N MET B 103 0.54 1.10 -12.94
CA MET B 103 0.60 -0.10 -13.84
C MET B 103 -0.68 -0.17 -14.64
N LYS B 104 -0.56 -0.53 -15.89
CA LYS B 104 -1.69 -0.63 -16.83
C LYS B 104 -1.83 -2.14 -17.04
N LEU B 105 -2.87 -2.71 -16.47
CA LEU B 105 -3.08 -4.16 -16.56
C LEU B 105 -3.41 -4.47 -18.03
N LYS B 106 -2.93 -5.61 -18.44
CA LYS B 106 -3.17 -6.08 -19.81
C LYS B 106 -4.63 -5.92 -20.21
N LYS B 107 -5.53 -6.34 -19.30
CA LYS B 107 -6.97 -6.15 -19.54
C LYS B 107 -7.66 -5.83 -18.22
N PRO B 108 -8.80 -5.12 -18.29
CA PRO B 108 -9.50 -4.72 -17.10
C PRO B 108 -9.72 -5.96 -16.25
N VAL B 109 -9.86 -5.80 -14.96
CA VAL B 109 -10.23 -6.92 -14.10
C VAL B 109 -11.65 -6.61 -13.70
N ALA B 110 -12.29 -7.68 -13.32
CA ALA B 110 -13.68 -7.67 -12.93
C ALA B 110 -13.75 -7.70 -11.41
N PHE B 111 -14.59 -6.84 -10.89
CA PHE B 111 -14.77 -6.70 -9.44
C PHE B 111 -15.67 -7.82 -8.91
N SER B 112 -15.52 -7.92 -7.60
CA SER B 112 -16.10 -9.06 -6.87
C SER B 112 -16.29 -8.64 -5.41
N ASP B 113 -16.51 -9.65 -4.60
CA ASP B 113 -16.73 -9.46 -3.17
C ASP B 113 -15.36 -9.10 -2.55
N TYR B 114 -14.35 -9.56 -3.30
CA TYR B 114 -12.96 -9.61 -2.81
C TYR B 114 -11.98 -8.68 -3.55
N ILE B 115 -12.42 -8.18 -4.70
CA ILE B 115 -11.63 -7.28 -5.61
C ILE B 115 -12.49 -6.02 -5.81
N HIS B 116 -11.96 -4.86 -5.43
CA HIS B 116 -12.72 -3.57 -5.52
C HIS B 116 -11.77 -2.37 -5.37
N PRO B 117 -11.88 -1.36 -6.25
CA PRO B 117 -10.98 -0.21 -6.24
C PRO B 117 -11.13 0.69 -5.00
N VAL B 118 -10.03 1.33 -4.63
CA VAL B 118 -10.01 2.30 -3.51
C VAL B 118 -10.12 3.69 -4.14
N CYS B 119 -10.60 4.64 -3.43
CA CYS B 119 -10.77 5.99 -4.05
C CYS B 119 -9.40 6.70 -3.94
N LEU B 120 -9.26 7.72 -4.77
CA LEU B 120 -8.08 8.62 -4.66
C LEU B 120 -8.62 9.91 -4.06
N PRO B 121 -7.84 10.55 -3.14
CA PRO B 121 -8.41 11.63 -2.38
C PRO B 121 -8.55 12.85 -3.32
N ASP B 122 -9.29 13.78 -2.91
CA ASP B 122 -9.52 15.11 -3.52
C ASP B 122 -8.89 16.12 -2.54
N ARG B 123 -8.59 17.33 -3.01
CA ARG B 123 -8.01 18.29 -2.08
C ARG B 123 -8.72 18.36 -0.73
N GLU B 124 -10.01 18.62 -0.73
CA GLU B 124 -10.77 18.77 0.52
C GLU B 124 -10.60 17.52 1.36
N THR B 125 -10.55 16.38 0.66
CA THR B 125 -10.45 15.07 1.33
C THR B 125 -9.06 14.97 1.95
N ALA B 126 -8.04 15.06 1.12
CA ALA B 126 -6.69 15.04 1.72
C ALA B 126 -6.62 16.10 2.83
N ALA B 127 -7.48 17.12 2.72
CA ALA B 127 -7.24 18.30 3.55
C ALA B 127 -7.91 18.14 4.93
N SER B 128 -8.95 17.33 5.01
CA SER B 128 -9.64 17.16 6.31
C SER B 128 -9.20 15.90 7.04
N LEU B 129 -8.48 15.04 6.37
CA LEU B 129 -8.10 13.76 6.98
C LEU B 129 -6.61 13.67 7.37
N LEU B 130 -5.78 14.17 6.53
CA LEU B 130 -4.32 14.14 6.70
C LEU B 130 -3.88 15.11 7.80
N GLN B 131 -4.34 14.71 9.02
CA GLN B 131 -4.10 15.44 10.29
C GLN B 131 -3.59 14.51 11.42
N ALA B 132 -2.48 14.95 12.00
CA ALA B 132 -1.78 14.26 13.08
C ALA B 132 -2.77 13.83 14.17
N GLY B 133 -2.63 12.58 14.56
CA GLY B 133 -3.48 11.97 15.60
C GLY B 133 -4.52 11.02 14.97
N TYR B 134 -4.87 11.32 13.74
CA TYR B 134 -5.85 10.53 12.95
C TYR B 134 -5.21 9.24 12.48
N LYS B 135 -5.93 8.15 12.64
CA LYS B 135 -5.40 6.85 12.26
C LYS B 135 -5.82 6.49 10.85
N GLY B 136 -4.93 5.78 10.22
CA GLY B 136 -4.99 5.24 8.86
C GLY B 136 -4.71 3.75 9.08
N ARG B 137 -4.69 3.02 7.99
CA ARG B 137 -4.62 1.57 8.04
C ARG B 137 -3.68 1.12 6.92
N VAL B 138 -2.78 0.22 7.35
CA VAL B 138 -1.80 -0.34 6.38
C VAL B 138 -2.09 -1.84 6.26
N THR B 139 -1.89 -2.35 5.08
CA THR B 139 -2.09 -3.78 4.85
C THR B 139 -0.92 -4.34 4.06
N GLY B 140 -0.59 -5.60 4.41
CA GLY B 140 0.46 -6.31 3.67
C GLY B 140 0.77 -7.69 4.23
N TRP B 141 1.62 -8.34 3.47
CA TRP B 141 2.16 -9.69 3.66
C TRP B 141 3.66 -9.65 3.92
N GLY B 142 4.20 -8.57 4.45
CA GLY B 142 5.66 -8.46 4.65
C GLY B 142 6.07 -9.14 5.94
N ASN B 143 7.37 -9.10 6.19
CA ASN B 143 7.89 -9.73 7.43
C ASN B 143 7.01 -9.33 8.61
N LEU B 144 7.07 -10.14 9.66
CA LEU B 144 6.31 -9.84 10.88
C LEU B 144 7.23 -9.19 11.91
N LYS B 145 8.51 -9.19 11.66
CA LYS B 145 9.53 -8.55 12.53
C LYS B 145 10.60 -8.00 11.58
N GLU B 146 11.26 -6.98 12.09
CA GLU B 146 12.23 -6.25 11.24
C GLU B 146 13.06 -7.21 10.38
N THR B 147 13.68 -8.07 11.12
CA THR B 147 14.52 -9.22 10.85
C THR B 147 13.81 -10.33 10.08
N GLY B 155 7.95 -15.42 10.96
CA GLY B 155 8.74 -14.36 10.27
C GLY B 155 7.98 -13.87 9.03
N GLN B 156 7.15 -14.80 8.54
CA GLN B 156 6.24 -14.48 7.44
C GLN B 156 4.84 -14.93 7.82
N PRO B 157 3.86 -14.08 7.51
CA PRO B 157 2.45 -14.31 7.86
C PRO B 157 1.77 -15.36 7.01
N SER B 158 0.67 -15.93 7.58
CA SER B 158 -0.13 -16.86 6.76
C SER B 158 -1.14 -16.01 5.94
N VAL B 159 -1.74 -15.09 6.54
CA VAL B 159 -2.83 -14.34 5.95
C VAL B 159 -2.49 -12.84 5.94
N LEU B 160 -3.22 -12.09 5.12
CA LEU B 160 -3.03 -10.63 5.04
C LEU B 160 -3.07 -10.08 6.46
N GLN B 161 -2.15 -9.17 6.71
CA GLN B 161 -2.01 -8.51 8.01
C GLN B 161 -2.55 -7.09 7.91
N VAL B 162 -2.90 -6.56 9.03
CA VAL B 162 -3.49 -5.23 9.12
C VAL B 162 -3.03 -4.57 10.42
N VAL B 163 -2.79 -3.27 10.34
CA VAL B 163 -2.46 -2.45 11.52
C VAL B 163 -2.83 -0.98 11.27
N ASN B 164 -3.51 -0.42 12.33
CA ASN B 164 -4.04 0.96 12.26
C ASN B 164 -3.05 1.90 12.96
N LEU B 165 -2.53 2.88 12.30
CA LEU B 165 -1.54 3.81 12.88
C LEU B 165 -2.02 5.28 12.86
N PRO B 166 -1.46 6.05 13.80
CA PRO B 166 -1.68 7.50 13.85
C PRO B 166 -0.77 8.27 12.90
N ILE B 167 -1.25 9.39 12.35
CA ILE B 167 -0.40 10.26 11.53
C ILE B 167 0.36 11.14 12.56
N VAL B 168 1.60 11.33 12.34
CA VAL B 168 2.51 12.10 13.21
C VAL B 168 2.85 13.44 12.54
N GLU B 169 2.86 14.49 13.35
CA GLU B 169 3.20 15.87 12.88
C GLU B 169 4.62 15.85 12.30
N ARG B 170 4.76 16.51 11.17
CA ARG B 170 6.02 16.54 10.40
C ARG B 170 7.25 16.90 11.28
N PRO B 171 7.21 17.84 12.24
CA PRO B 171 8.40 18.11 13.03
C PRO B 171 8.94 16.83 13.65
N VAL B 172 8.10 16.02 14.22
CA VAL B 172 8.49 14.77 14.90
C VAL B 172 9.08 13.76 13.88
N CYS B 173 8.51 13.68 12.70
CA CYS B 173 9.01 12.75 11.68
C CYS B 173 10.46 13.09 11.32
N LYS B 174 10.61 14.40 11.11
CA LYS B 174 11.87 15.05 10.69
C LYS B 174 12.98 14.79 11.71
N ASP B 175 12.68 15.03 12.94
CA ASP B 175 13.61 14.90 14.05
C ASP B 175 13.81 13.45 14.48
N SER B 176 13.37 12.52 13.66
CA SER B 176 13.55 11.12 14.04
C SER B 176 14.52 10.47 13.07
N THR B 177 14.84 11.19 12.04
CA THR B 177 15.74 10.68 11.02
C THR B 177 16.78 11.73 10.62
N ARG B 178 17.86 11.25 10.01
CA ARG B 178 18.89 12.14 9.50
C ARG B 178 18.66 12.27 7.99
N ILE B 179 17.63 11.60 7.51
CA ILE B 179 17.30 11.61 6.08
C ILE B 179 16.47 12.86 5.77
N ARG B 180 16.72 13.41 4.57
CA ARG B 180 15.97 14.59 4.11
C ARG B 180 14.53 14.20 3.72
N ILE B 181 13.63 14.69 4.53
CA ILE B 181 12.17 14.50 4.44
C ILE B 181 11.54 15.60 3.56
N THR B 182 10.94 15.27 2.45
CA THR B 182 10.29 16.18 1.51
C THR B 182 8.79 16.18 1.77
N ASP B 183 8.09 16.99 1.02
CA ASP B 183 6.69 17.33 1.08
C ASP B 183 5.79 16.22 0.55
N ASN B 184 6.27 15.49 -0.40
CA ASN B 184 5.66 14.31 -0.98
C ASN B 184 5.79 13.11 0.00
N MET B 185 6.00 13.40 1.27
CA MET B 185 6.18 12.39 2.30
C MET B 185 5.40 12.84 3.54
N PHE B 186 4.90 11.77 4.18
CA PHE B 186 4.26 11.85 5.51
C PHE B 186 4.76 10.64 6.34
N CYS B 187 4.71 10.73 7.66
CA CYS B 187 5.13 9.60 8.52
C CYS B 187 4.01 9.34 9.52
N ALA B 188 3.93 8.08 9.90
CA ALA B 188 2.90 7.60 10.82
C ALA B 188 3.47 6.46 11.67
N GLY B 189 2.91 6.35 12.85
CA GLY B 189 3.28 5.30 13.79
C GLY B 189 3.05 5.88 15.18
N TYR B 190 3.28 4.98 16.14
CA TYR B 190 3.16 5.42 17.55
C TYR B 190 4.56 5.86 18.03
N LYS B 191 4.53 6.85 18.94
CA LYS B 191 5.76 7.24 19.64
C LYS B 191 6.11 6.22 20.69
N PRO B 192 7.40 6.06 21.02
CA PRO B 192 7.83 5.10 22.01
C PRO B 192 6.99 5.09 23.29
N ASP B 193 6.21 6.14 23.48
CA ASP B 193 5.39 6.35 24.69
C ASP B 193 3.84 6.09 24.58
N GLU B 194 3.23 6.24 23.42
CA GLU B 194 1.73 6.14 23.35
C GLU B 194 1.21 4.76 23.75
N GLY B 195 2.12 3.86 24.03
CA GLY B 195 1.77 2.54 24.59
C GLY B 195 1.33 1.44 23.61
N LYS B 196 1.00 1.77 22.37
CA LYS B 196 0.69 0.71 21.35
C LYS B 196 1.84 0.75 20.37
N ARG B 197 1.86 -0.17 19.44
CA ARG B 197 2.88 -0.14 18.38
C ARG B 197 2.33 -0.80 17.12
N GLY B 198 3.22 -0.95 16.18
CA GLY B 198 2.94 -1.52 14.87
C GLY B 198 3.62 -0.63 13.85
N ASP B 199 3.80 -1.18 12.68
CA ASP B 199 4.47 -0.50 11.57
C ASP B 199 4.62 -1.51 10.44
N ALA B 200 4.74 -1.01 9.22
CA ALA B 200 4.89 -1.83 8.02
C ALA B 200 6.32 -2.36 8.16
N CYS B 201 6.78 -3.08 7.20
CA CYS B 201 8.16 -3.66 7.25
C CYS B 201 8.46 -4.10 5.83
N GLU B 202 9.61 -4.70 5.65
CA GLU B 202 9.97 -5.22 4.31
C GLU B 202 8.83 -6.11 3.80
N GLY B 203 8.50 -5.96 2.54
CA GLY B 203 7.45 -6.75 1.88
C GLY B 203 6.10 -6.04 1.79
N ASP B 204 5.93 -4.99 2.54
CA ASP B 204 4.80 -4.10 2.66
C ASP B 204 4.88 -2.95 1.67
N SER B 205 6.03 -2.45 1.32
CA SER B 205 6.21 -1.35 0.39
C SER B 205 5.28 -1.52 -0.80
N GLY B 206 4.94 -0.43 -1.47
CA GLY B 206 4.02 -0.49 -2.63
C GLY B 206 2.57 -0.53 -2.10
N GLY B 207 2.41 -1.05 -0.90
CA GLY B 207 1.14 -1.19 -0.19
C GLY B 207 0.45 0.15 0.05
N PRO B 208 -0.85 0.07 0.41
CA PRO B 208 -1.70 1.24 0.61
C PRO B 208 -1.84 1.74 2.04
N PHE B 209 -1.76 3.07 2.16
CA PHE B 209 -2.15 3.69 3.48
C PHE B 209 -3.54 4.33 3.21
N VAL B 210 -4.59 3.87 3.90
CA VAL B 210 -5.98 4.24 3.51
C VAL B 210 -6.66 4.83 4.73
N MET B 211 -7.64 5.65 4.46
CA MET B 211 -8.38 6.29 5.62
C MET B 211 -9.84 6.15 5.26
N LYS B 212 -10.72 6.21 6.22
CA LYS B 212 -12.18 6.12 5.93
C LYS B 212 -12.85 7.49 6.04
N SER B 213 -13.52 7.92 4.98
CA SER B 213 -14.22 9.20 5.09
C SER B 213 -15.39 9.18 6.03
N PRO B 214 -15.36 10.09 7.00
CA PRO B 214 -16.47 10.19 7.94
C PRO B 214 -17.66 10.89 7.25
N PHE B 215 -17.41 11.31 5.96
CA PHE B 215 -18.46 12.12 5.31
C PHE B 215 -19.27 11.27 4.33
N ASN B 216 -18.57 10.51 3.48
CA ASN B 216 -19.28 9.65 2.50
C ASN B 216 -18.99 8.16 2.78
N ASN B 217 -18.45 7.90 3.95
CA ASN B 217 -18.16 6.55 4.42
C ASN B 217 -17.32 5.74 3.44
N ARG B 218 -16.56 6.45 2.57
CA ARG B 218 -15.71 5.80 1.58
C ARG B 218 -14.27 5.68 2.11
N TRP B 219 -13.50 4.78 1.43
CA TRP B 219 -12.09 4.53 1.79
C TRP B 219 -11.23 5.26 0.77
N TYR B 220 -10.26 5.98 1.28
CA TYR B 220 -9.36 6.76 0.39
C TYR B 220 -7.92 6.34 0.61
N GLN B 221 -7.17 6.18 -0.46
CA GLN B 221 -5.71 5.86 -0.22
C GLN B 221 -4.99 7.20 -0.03
N MET B 222 -4.49 7.47 1.16
CA MET B 222 -3.72 8.71 1.41
C MET B 222 -2.23 8.51 1.20
N GLY B 223 -1.70 7.33 1.41
CA GLY B 223 -0.27 7.08 1.28
C GLY B 223 0.01 5.72 0.67
N ILE B 224 1.30 5.59 0.34
CA ILE B 224 1.90 4.36 -0.14
C ILE B 224 3.10 4.07 0.78
N VAL B 225 3.12 2.90 1.42
CA VAL B 225 4.25 2.49 2.26
C VAL B 225 5.54 2.74 1.46
N SER B 226 6.45 3.49 2.06
CA SER B 226 7.65 3.88 1.34
C SER B 226 8.96 3.30 1.90
N TRP B 227 9.30 3.73 3.10
CA TRP B 227 10.54 3.32 3.81
C TRP B 227 10.39 3.68 5.32
N GLY B 228 11.34 3.26 6.11
CA GLY B 228 11.45 3.46 7.59
C GLY B 228 12.80 2.86 7.93
N GLU B 229 13.42 3.30 8.94
CA GLU B 229 14.73 2.72 9.31
C GLU B 229 14.38 1.61 10.28
N GLY B 230 14.26 0.43 9.71
CA GLY B 230 13.85 -0.76 10.44
C GLY B 230 12.34 -0.91 10.29
N CYS B 231 11.80 -1.62 11.24
CA CYS B 231 10.38 -1.93 11.34
C CYS B 231 9.99 -1.90 12.80
N ASP B 232 9.21 -0.93 13.23
CA ASP B 232 8.70 -0.90 14.61
C ASP B 232 9.77 -0.68 15.67
N ARG B 233 10.73 0.18 15.41
CA ARG B 233 11.77 0.59 16.38
C ARG B 233 11.24 1.82 17.12
N ASP B 234 11.57 1.94 18.38
CA ASP B 234 11.14 3.04 19.25
C ASP B 234 11.76 4.39 18.88
N GLY B 235 10.88 5.37 18.61
CA GLY B 235 11.30 6.73 18.24
C GLY B 235 11.65 6.74 16.75
N LYS B 236 11.07 5.82 16.02
CA LYS B 236 11.19 5.65 14.56
C LYS B 236 9.80 5.33 13.99
N TYR B 237 9.49 5.98 12.88
CA TYR B 237 8.22 5.99 12.19
C TYR B 237 8.32 5.52 10.76
N GLY B 238 7.20 5.11 10.20
CA GLY B 238 7.23 4.74 8.77
C GLY B 238 6.89 5.96 7.90
N PHE B 239 7.51 5.96 6.73
CA PHE B 239 7.35 7.02 5.73
C PHE B 239 6.60 6.49 4.52
N TYR B 240 5.62 7.27 4.14
CA TYR B 240 4.70 6.95 3.06
C TYR B 240 4.64 8.03 1.99
N THR B 241 4.53 7.63 0.74
CA THR B 241 4.36 8.60 -0.35
C THR B 241 2.99 9.30 -0.19
N HIS B 242 3.04 10.62 -0.30
CA HIS B 242 1.86 11.51 -0.24
C HIS B 242 1.20 11.49 -1.61
N VAL B 243 0.16 10.67 -1.68
CA VAL B 243 -0.60 10.39 -2.91
C VAL B 243 -1.32 11.63 -3.41
N PHE B 244 -1.90 12.38 -2.50
CA PHE B 244 -2.66 13.57 -2.89
C PHE B 244 -1.73 14.64 -3.53
N ARG B 245 -0.51 14.84 -3.02
CA ARG B 245 0.48 15.75 -3.57
C ARG B 245 1.01 15.24 -4.90
N LEU B 246 0.84 13.96 -5.21
CA LEU B 246 1.38 13.46 -6.51
C LEU B 246 0.22 13.18 -7.48
N LYS B 247 -0.94 13.61 -7.12
CA LYS B 247 -2.26 13.51 -7.71
C LYS B 247 -2.37 13.81 -9.19
N LYS B 248 -2.09 15.06 -9.49
CA LYS B 248 -2.16 15.58 -10.86
C LYS B 248 -1.26 14.79 -11.82
N TRP B 249 -0.14 14.30 -11.34
CA TRP B 249 0.77 13.48 -12.13
C TRP B 249 -0.03 12.20 -12.45
N ILE B 250 -0.52 11.57 -11.37
CA ILE B 250 -1.33 10.37 -11.52
C ILE B 250 -2.44 10.62 -12.55
N GLN B 251 -3.27 11.72 -12.33
CA GLN B 251 -4.36 11.87 -13.32
C GLN B 251 -3.81 11.86 -14.75
N LYS B 252 -2.83 12.74 -14.88
CA LYS B 252 -2.13 13.03 -16.13
C LYS B 252 -1.68 11.79 -16.90
N VAL B 253 -1.29 10.71 -16.23
CA VAL B 253 -0.83 9.53 -17.00
C VAL B 253 -2.01 8.66 -17.44
N ILE B 254 -3.00 8.56 -16.58
CA ILE B 254 -4.22 7.80 -16.90
C ILE B 254 -4.86 8.45 -18.15
N ASP B 255 -5.02 9.75 -18.08
CA ASP B 255 -5.62 10.49 -19.19
C ASP B 255 -4.60 10.61 -20.35
N GLN B 256 -3.41 11.13 -20.07
CA GLN B 256 -2.35 11.30 -21.11
C GLN B 256 -2.20 10.01 -21.93
N PHE B 257 -2.67 8.95 -21.36
CA PHE B 257 -2.62 7.59 -21.94
C PHE B 257 -3.87 6.83 -21.48
N ASP C 1 8.24 -20.42 -0.97
CA ASP C 1 7.34 -21.49 -0.49
C ASP C 1 5.88 -21.23 -0.96
N PHE C 2 5.79 -20.95 -2.28
CA PHE C 2 4.53 -20.69 -2.98
C PHE C 2 4.05 -21.94 -3.69
N GLU C 3 2.77 -21.94 -3.95
CA GLU C 3 2.11 -23.02 -4.67
C GLU C 3 2.21 -22.59 -6.13
N GLU C 4 2.43 -23.57 -6.97
CA GLU C 4 2.60 -23.33 -8.39
C GLU C 4 1.40 -22.69 -8.94
N ILE C 5 1.64 -21.93 -9.88
CA ILE C 5 0.57 -21.27 -10.42
C ILE C 5 0.43 -21.72 -11.84
N PRO C 6 -0.82 -21.81 -12.24
CA PRO C 6 -1.14 -22.24 -13.57
C PRO C 6 -0.33 -21.48 -14.58
N GLU C 7 0.15 -22.27 -15.42
CA GLU C 7 1.03 -21.82 -16.44
C GLU C 7 0.33 -20.80 -17.32
N GLU C 8 -1.00 -20.82 -17.24
CA GLU C 8 -1.77 -19.86 -18.01
C GLU C 8 -1.20 -18.48 -17.73
N TYS C 9 -0.61 -18.40 -16.52
CA TYS C 9 -0.07 -17.14 -16.02
CB TYS C 9 -0.27 -17.13 -14.47
CG TYS C 9 -1.80 -17.02 -14.33
CD1 TYS C 9 -2.45 -16.19 -15.28
CD2 TYS C 9 -2.56 -17.93 -13.62
CE1 TYS C 9 -3.85 -16.18 -15.39
CE2 TYS C 9 -3.94 -17.90 -13.71
CZ TYS C 9 -4.60 -17.03 -14.59
OH TYS C 9 -5.96 -16.96 -14.52
S TYS C 9 -6.76 -16.57 -13.12
O1 TYS C 9 -6.24 -17.17 -11.93
O2 TYS C 9 -6.71 -15.12 -13.20
O3 TYS C 9 -8.15 -17.01 -13.42
C TYS C 9 1.29 -16.71 -16.47
O TYS C 9 1.53 -15.46 -16.54
N LEU C 10 2.07 -17.64 -17.03
CA LEU C 10 3.44 -17.33 -17.49
C LEU C 10 3.55 -17.32 -19.00
C ACE D 1 14.06 0.34 0.96
O ACE D 1 14.02 1.74 1.10
CH3 ACE D 1 14.59 -0.28 -0.35
N 0BN D 2 13.53 -0.34 1.89
CA 0BN D 2 12.64 0.28 2.75
C 0BN D 2 13.35 0.47 4.03
O 0BN D 2 12.83 1.31 4.87
N2 0BN D 2 9.21 0.09 8.78
N3 0BN D 2 7.69 1.10 7.64
C3 0BN D 2 10.67 -0.34 4.14
C4 0BN D 2 9.46 0.33 4.08
C5 0BN D 2 8.86 0.62 5.23
C6 0BN D 2 9.41 0.19 6.47
C7 0BN D 2 10.57 -0.53 6.53
C8 0BN D 2 11.24 -0.82 5.41
C9 0BN D 2 11.38 -0.67 3.01
C10 0BN D 2 8.74 0.48 7.67
N CHG D 3 14.35 -0.30 4.30
CA CHG D 3 15.19 -0.30 5.53
C CHG D 3 16.34 0.72 5.37
O CHG D 3 17.45 0.47 4.83
C1 CHG D 3 15.76 -1.58 5.71
C2 CHG D 3 14.74 -2.55 6.24
C3 CHG D 3 15.30 -3.89 6.22
C4 CHG D 3 15.74 -4.22 4.86
C5 CHG D 3 16.87 -3.33 4.56
C6 CHG D 3 16.36 -2.00 4.48
N MLY D 4 15.93 2.13 5.65
CA MLY D 4 16.77 3.28 5.76
CB MLY D 4 15.82 4.64 5.60
CG MLY D 4 15.76 5.10 4.25
CD MLY D 4 15.38 3.95 3.36
CE MLY D 4 16.22 4.00 2.16
NZ MLY D 4 16.86 2.77 1.97
CH1 MLY D 4 16.73 2.49 0.66
CH2 MLY D 4 18.12 2.91 2.41
C MLY D 4 17.35 3.24 7.19
O MLY D 4 17.09 2.27 7.92
N LEU D 5 18.15 4.16 7.73
CA LEU D 5 19.60 4.37 7.88
C LEU D 5 20.26 4.03 6.56
N PRO D 6 20.66 5.11 5.84
CA PRO D 6 21.88 5.09 5.04
C PRO D 6 23.04 4.71 5.86
N NH2 D 7 23.74 3.56 5.59
NA NA E . 16.31 15.31 11.17
NA NA F . 8.07 3.53 16.46
#